data_5CBN
#
_entry.id   5CBN
#
_cell.length_a   64.282
_cell.length_b   75.827
_cell.length_c   111.352
_cell.angle_alpha   90.00
_cell.angle_beta   90.00
_cell.angle_gamma   90.00
#
_symmetry.space_group_name_H-M   'P 21 21 21'
#
loop_
_entity.id
_entity.type
_entity.pdbx_description
1 polymer 'Maltose-binding periplasmic protein'
2 polymer 'mbp3-16,Immunoglobulin G-binding protein A'
3 non-polymer "2,2'-ethyne-1,2-diylbis{5-[(chloroacetyl)amino]benzenesulfonic acid}"
4 water water
#
loop_
_entity_poly.entity_id
_entity_poly.type
_entity_poly.pdbx_seq_one_letter_code
_entity_poly.pdbx_strand_id
1 'polypeptide(L)'
;MGMKIEEGKLVIWINGDKGYNGLAEVGKKFEKDTGIKVTVEHPDKLEEKFPQVAATGDGPDIIFWAHDRFGGYAQSGLLA
EITPDKAFQDKLYPFTWDAVRYNGKLIAYPIAVEALSLIYNKDLLPNPPKTWEEIPALDKELKAKGKSALMFNLQEPYFT
WPLIAADGGYAFKYENGKYDIKDVGVDNAGAKAGLTFLVDLIKNKHMNADTDYSIAEAAFNKGETAMTINGPWAWSNIDT
SKVNYGVTVLPTFKGQPSKPFVGVLSAGINAASPNKELAKEFLENYLLTDEGLEAVNKDKPLGAVALKSYEEELAKDPRI
AATMENAQKGEIMPNIPQMSAFWYAVRTAVINAASGRQTVDEALKDAQT
;
B
2 'polypeptide(L)'
;SDLGKKLLEAAHAGQDDEVRILMANGADVNAMDNFGVTPLHLAAYWGHFEIVEVLLKYGADVNASDATGDTPLHLAAKWG
YLGIVEVLLKYGADVNAQDKFGKTAFDISIDNGNEDLAEILCKNKAQQAAFYCILHLPNLNEEQRNAFIQSLKDDPSQSA
NLLAEAKKLNDAQAPK
;
A
#
loop_
_chem_comp.id
_chem_comp.type
_chem_comp.name
_chem_comp.formula
EYC non-polymer '2,2'-ethyne-1,2-diylbis{5-[(chloroacetyl)amino]benzenesulfonic acid}' 'C18 H14 Cl2 N2 O8 S2'
#
# COMPACT_ATOMS: atom_id res chain seq x y z
N GLY A 8 -24.73 -0.32 43.60
CA GLY A 8 -23.50 -0.25 44.39
C GLY A 8 -22.44 -1.30 44.03
N LYS A 9 -22.34 -1.62 42.74
CA LYS A 9 -21.25 -2.45 42.27
C LYS A 9 -20.88 -2.05 40.83
N LEU A 10 -19.87 -2.69 40.27
CA LEU A 10 -19.52 -2.45 38.87
C LEU A 10 -19.50 -3.73 38.07
N VAL A 11 -20.26 -3.71 36.97
CA VAL A 11 -20.22 -4.77 35.99
C VAL A 11 -19.49 -4.23 34.78
N ILE A 12 -18.49 -4.96 34.32
CA ILE A 12 -17.68 -4.54 33.18
C ILE A 12 -17.79 -5.55 32.06
N TRP A 13 -18.02 -5.09 30.83
CA TRP A 13 -17.93 -5.98 29.67
C TRP A 13 -16.75 -5.64 28.76
N ILE A 14 -16.04 -6.68 28.36
CA ILE A 14 -14.89 -6.54 27.48
C ILE A 14 -14.78 -7.81 26.63
N ASN A 15 -14.26 -7.71 25.41
CA ASN A 15 -14.22 -8.87 24.51
C ASN A 15 -13.28 -9.98 24.99
N GLY A 16 -13.52 -11.20 24.52
CA GLY A 16 -12.86 -12.39 25.05
C GLY A 16 -11.41 -12.54 24.64
N ASP A 17 -11.00 -11.76 23.65
CA ASP A 17 -9.60 -11.77 23.25
C ASP A 17 -8.74 -10.76 24.02
N LYS A 18 -9.32 -10.13 25.05
CA LYS A 18 -8.57 -9.16 25.85
C LYS A 18 -8.16 -9.76 27.18
N GLY A 19 -7.31 -9.05 27.91
CA GLY A 19 -6.84 -9.54 29.19
C GLY A 19 -7.85 -9.38 30.31
N TYR A 20 -9.04 -9.97 30.14
CA TYR A 20 -10.13 -9.80 31.11
C TYR A 20 -9.82 -10.31 32.51
N ASN A 21 -8.90 -11.25 32.62
CA ASN A 21 -8.50 -11.69 33.96
C ASN A 21 -7.60 -10.68 34.66
N GLY A 22 -6.66 -10.08 33.92
CA GLY A 22 -5.91 -8.95 34.43
C GLY A 22 -6.83 -7.80 34.81
N LEU A 23 -7.84 -7.54 33.99
CA LEU A 23 -8.81 -6.49 34.30
C LEU A 23 -9.55 -6.83 35.60
N ALA A 24 -9.89 -8.10 35.80
CA ALA A 24 -10.49 -8.54 37.07
C ALA A 24 -9.57 -8.28 38.29
N GLU A 25 -8.26 -8.45 38.13
CA GLU A 25 -7.30 -8.08 39.20
C GLU A 25 -7.37 -6.59 39.59
N VAL A 26 -7.51 -5.70 38.59
CA VAL A 26 -7.69 -4.28 38.86
C VAL A 26 -8.99 -4.14 39.63
N GLY A 27 -10.00 -4.91 39.24
CA GLY A 27 -11.27 -4.90 39.98
C GLY A 27 -11.17 -5.37 41.43
N LYS A 28 -10.34 -6.39 41.68
CA LYS A 28 -10.08 -6.83 43.05
C LYS A 28 -9.45 -5.70 43.89
N LYS A 29 -8.44 -5.01 43.33
CA LYS A 29 -7.82 -3.90 44.04
C LYS A 29 -8.86 -2.85 44.34
N PHE A 30 -9.73 -2.59 43.38
CA PHE A 30 -10.76 -1.58 43.57
C PHE A 30 -11.63 -1.97 44.76
N GLU A 31 -12.00 -3.25 44.85
CA GLU A 31 -12.86 -3.71 45.93
C GLU A 31 -12.15 -3.62 47.27
N LYS A 32 -10.88 -4.03 47.28
CA LYS A 32 -10.05 -3.98 48.48
C LYS A 32 -9.97 -2.56 49.05
N ASP A 33 -9.90 -1.57 48.17
CA ASP A 33 -9.85 -0.17 48.59
C ASP A 33 -11.21 0.36 49.01
N THR A 34 -12.28 -0.04 48.32
CA THR A 34 -13.59 0.58 48.52
C THR A 34 -14.72 -0.33 48.99
N GLY A 35 -14.52 -1.64 49.05
CA GLY A 35 -15.60 -2.55 49.37
C GLY A 35 -16.47 -2.91 48.18
N ILE A 36 -16.42 -2.08 47.14
CA ILE A 36 -17.29 -2.26 45.96
C ILE A 36 -16.86 -3.42 45.08
N LYS A 37 -17.75 -4.38 44.91
CA LYS A 37 -17.42 -5.52 44.06
C LYS A 37 -17.42 -5.15 42.57
N VAL A 38 -16.43 -5.66 41.85
CA VAL A 38 -16.28 -5.40 40.42
C VAL A 38 -16.36 -6.71 39.67
N THR A 39 -17.31 -6.82 38.75
CA THR A 39 -17.49 -8.05 37.99
C THR A 39 -17.17 -7.83 36.51
N VAL A 40 -16.19 -8.55 35.99
CA VAL A 40 -15.83 -8.49 34.58
C VAL A 40 -16.44 -9.67 33.82
N GLU A 41 -17.13 -9.42 32.72
CA GLU A 41 -17.68 -10.47 31.90
C GLU A 41 -17.24 -10.25 30.47
N HIS A 42 -17.21 -11.33 29.68
CA HIS A 42 -16.86 -11.23 28.28
C HIS A 42 -17.86 -11.99 27.41
N PRO A 43 -19.10 -11.49 27.33
CA PRO A 43 -20.12 -12.09 26.46
C PRO A 43 -19.64 -12.06 25.02
N ASP A 44 -19.89 -13.11 24.26
CA ASP A 44 -19.58 -13.05 22.83
C ASP A 44 -20.59 -12.14 22.17
N LYS A 45 -20.18 -11.52 21.07
CA LYS A 45 -20.96 -10.50 20.37
C LYS A 45 -21.44 -9.39 21.30
N LEU A 46 -20.63 -9.03 22.28
CA LEU A 46 -21.06 -8.03 23.26
C LEU A 46 -21.27 -6.68 22.58
N GLU A 47 -20.62 -6.49 21.42
CA GLU A 47 -20.78 -5.24 20.69
C GLU A 47 -22.20 -5.12 20.12
N GLU A 48 -22.92 -6.24 20.09
CA GLU A 48 -24.33 -6.26 19.70
C GLU A 48 -25.20 -6.37 20.91
N LYS A 49 -24.72 -7.10 21.91
CA LYS A 49 -25.48 -7.27 23.13
C LYS A 49 -25.66 -5.94 23.84
N PHE A 50 -24.58 -5.17 23.95
CA PHE A 50 -24.62 -3.96 24.76
C PHE A 50 -25.70 -2.95 24.29
N PRO A 51 -25.70 -2.53 23.00
CA PRO A 51 -26.74 -1.58 22.57
C PRO A 51 -28.16 -2.13 22.72
N GLN A 52 -28.28 -3.44 22.60
CA GLN A 52 -29.56 -4.09 22.75
C GLN A 52 -30.09 -3.99 24.18
N VAL A 53 -29.24 -4.30 25.16
CA VAL A 53 -29.72 -4.32 26.54
C VAL A 53 -29.62 -2.92 27.19
N ALA A 54 -28.70 -2.09 26.72
CA ALA A 54 -28.63 -0.72 27.23
C ALA A 54 -29.90 0.08 26.87
N ALA A 55 -30.54 -0.27 25.74
CA ALA A 55 -31.77 0.40 25.30
C ALA A 55 -32.91 0.25 26.31
N THR A 56 -32.80 -0.75 27.18
CA THR A 56 -33.81 -1.00 28.20
C THR A 56 -33.34 -0.56 29.60
N GLY A 57 -32.14 0.00 29.68
CA GLY A 57 -31.62 0.47 30.96
C GLY A 57 -30.88 -0.63 31.72
N ASP A 58 -30.39 -1.62 30.98
CA ASP A 58 -29.64 -2.71 31.59
C ASP A 58 -28.20 -2.75 31.07
N GLY A 59 -27.49 -3.82 31.39
CA GLY A 59 -26.17 -4.05 30.85
C GLY A 59 -25.07 -3.72 31.82
N PRO A 60 -23.83 -3.62 31.32
CA PRO A 60 -22.69 -3.33 32.19
C PRO A 60 -22.64 -1.86 32.57
N ASP A 61 -22.04 -1.54 33.71
CA ASP A 61 -21.77 -0.15 34.02
C ASP A 61 -20.75 0.38 33.01
N ILE A 62 -19.85 -0.51 32.57
CA ILE A 62 -18.75 -0.11 31.72
C ILE A 62 -18.57 -1.07 30.56
N ILE A 63 -18.44 -0.51 29.37
CA ILE A 63 -18.20 -1.36 28.21
C ILE A 63 -16.88 -1.01 27.50
N PHE A 64 -16.07 -2.03 27.21
CA PHE A 64 -14.86 -1.87 26.43
C PHE A 64 -15.10 -2.33 25.01
N TRP A 65 -14.77 -1.47 24.04
CA TRP A 65 -14.77 -1.87 22.63
C TRP A 65 -13.97 -0.88 21.80
N ALA A 66 -13.69 -1.28 20.56
CA ALA A 66 -13.13 -0.37 19.56
C ALA A 66 -13.97 0.90 19.43
N HIS A 67 -13.31 2.05 19.34
CA HIS A 67 -14.03 3.34 19.32
C HIS A 67 -15.04 3.50 18.19
N ASP A 68 -14.84 2.79 17.08
CA ASP A 68 -15.67 3.04 15.89
C ASP A 68 -17.15 2.78 16.19
N ARG A 69 -17.39 1.84 17.10
CA ARG A 69 -18.74 1.46 17.50
C ARG A 69 -19.44 2.48 18.43
N PHE A 70 -18.66 3.32 19.11
CA PHE A 70 -19.21 4.17 20.18
C PHE A 70 -20.00 5.37 19.65
N GLY A 71 -19.60 5.88 18.48
CA GLY A 71 -20.38 6.91 17.82
C GLY A 71 -21.83 6.49 17.75
N GLY A 72 -22.04 5.26 17.28
CA GLY A 72 -23.37 4.70 17.23
C GLY A 72 -24.06 4.67 18.57
N TYR A 73 -23.37 4.16 19.59
CA TYR A 73 -23.99 4.04 20.90
C TYR A 73 -24.38 5.41 21.44
N ALA A 74 -23.49 6.37 21.29
CA ALA A 74 -23.77 7.74 21.72
C ALA A 74 -25.02 8.28 21.06
N GLN A 75 -25.14 8.04 19.75
CA GLN A 75 -26.32 8.42 18.98
C GLN A 75 -27.62 7.94 19.62
N SER A 76 -27.61 6.70 20.09
CA SER A 76 -28.79 6.10 20.73
C SER A 76 -28.90 6.46 22.21
N GLY A 77 -28.04 7.37 22.68
CA GLY A 77 -28.10 7.81 24.07
C GLY A 77 -27.74 6.73 25.08
N LEU A 78 -26.88 5.80 24.66
CA LEU A 78 -26.45 4.68 25.50
C LEU A 78 -25.19 4.99 26.33
N LEU A 79 -24.44 6.01 25.92
CA LEU A 79 -23.17 6.34 26.56
C LEU A 79 -23.19 7.64 27.32
N ALA A 80 -22.86 7.59 28.60
CA ALA A 80 -22.75 8.80 29.43
C ALA A 80 -21.59 9.69 28.94
N GLU A 81 -21.68 11.00 29.15
CA GLU A 81 -20.52 11.86 28.86
C GLU A 81 -19.51 11.72 29.97
N ILE A 82 -18.24 11.56 29.61
CA ILE A 82 -17.23 11.44 30.65
C ILE A 82 -16.67 12.82 30.94
N THR A 83 -16.24 13.00 32.19
CA THR A 83 -15.76 14.29 32.70
C THR A 83 -14.33 14.30 33.23
N PRO A 84 -13.37 13.77 32.46
CA PRO A 84 -12.01 13.91 33.01
C PRO A 84 -11.58 15.36 32.96
N ASP A 85 -10.94 15.87 34.01
CA ASP A 85 -10.45 17.26 33.94
C ASP A 85 -9.22 17.29 33.05
N LYS A 86 -8.74 18.49 32.70
CA LYS A 86 -7.67 18.61 31.71
C LYS A 86 -6.36 17.98 32.19
N ALA A 87 -6.23 17.80 33.49
CA ALA A 87 -5.04 17.21 34.08
C ALA A 87 -4.99 15.73 33.74
N PHE A 88 -6.12 15.06 33.87
CA PHE A 88 -6.16 13.66 33.47
C PHE A 88 -6.03 13.53 31.95
N GLN A 89 -6.64 14.42 31.19
CA GLN A 89 -6.60 14.32 29.73
C GLN A 89 -5.17 14.40 29.20
N ASP A 90 -4.35 15.19 29.90
CA ASP A 90 -2.95 15.38 29.54
C ASP A 90 -2.09 14.14 29.76
N LYS A 91 -2.61 13.19 30.53
CA LYS A 91 -1.91 11.93 30.78
C LYS A 91 -2.05 10.96 29.62
N LEU A 92 -2.97 11.23 28.70
CA LEU A 92 -3.10 10.40 27.50
C LEU A 92 -2.67 11.15 26.23
N TYR A 93 -2.29 10.42 25.18
CA TYR A 93 -1.88 11.08 23.94
C TYR A 93 -3.08 11.80 23.33
N PRO A 94 -2.89 13.08 22.96
CA PRO A 94 -4.03 13.90 22.53
C PRO A 94 -4.83 13.31 21.36
N PHE A 95 -4.17 12.68 20.40
CA PHE A 95 -4.89 12.18 19.24
C PHE A 95 -5.83 11.03 19.62
N THR A 96 -5.59 10.42 20.78
CA THR A 96 -6.50 9.36 21.20
C THR A 96 -7.82 9.94 21.73
N TRP A 97 -7.80 11.16 22.25
CA TRP A 97 -9.06 11.75 22.74
C TRP A 97 -9.99 12.05 21.58
N ASP A 98 -9.43 12.12 20.37
CA ASP A 98 -10.24 12.38 19.20
C ASP A 98 -11.03 11.16 18.74
N ALA A 99 -10.54 9.97 19.07
CA ALA A 99 -11.26 8.75 18.72
C ALA A 99 -12.53 8.59 19.55
N VAL A 100 -12.64 9.36 20.63
CA VAL A 100 -13.73 9.16 21.58
C VAL A 100 -14.49 10.44 21.82
N ARG A 101 -14.29 11.42 20.93
CA ARG A 101 -15.06 12.64 20.97
C ARG A 101 -16.21 12.53 19.98
N TYR A 102 -17.41 12.88 20.42
CA TYR A 102 -18.59 12.78 19.58
C TYR A 102 -19.55 13.91 19.89
N ASN A 103 -19.85 14.72 18.87
CA ASN A 103 -20.65 15.93 19.02
C ASN A 103 -20.07 16.88 20.06
N GLY A 104 -18.75 16.90 20.15
CA GLY A 104 -18.07 17.78 21.10
C GLY A 104 -18.12 17.32 22.54
N LYS A 105 -18.60 16.11 22.77
CA LYS A 105 -18.64 15.54 24.11
C LYS A 105 -17.74 14.32 24.13
N LEU A 106 -16.89 14.19 25.15
CA LEU A 106 -16.14 12.95 25.32
C LEU A 106 -17.06 11.86 25.84
N ILE A 107 -17.10 10.73 25.15
CA ILE A 107 -18.00 9.63 25.50
C ILE A 107 -17.30 8.33 25.88
N ALA A 108 -15.97 8.33 25.95
CA ALA A 108 -15.23 7.16 26.43
C ALA A 108 -13.80 7.50 26.80
N TYR A 109 -13.19 6.61 27.58
CA TYR A 109 -11.78 6.67 27.94
C TYR A 109 -10.96 5.82 26.98
N PRO A 110 -9.98 6.43 26.30
CA PRO A 110 -9.13 5.63 25.40
C PRO A 110 -8.23 4.69 26.20
N ILE A 111 -8.13 3.45 25.75
CA ILE A 111 -7.32 2.49 26.48
C ILE A 111 -6.12 2.06 25.66
N ALA A 112 -6.36 1.61 24.43
CA ALA A 112 -5.26 1.08 23.64
C ALA A 112 -5.31 1.60 22.21
N VAL A 113 -4.18 1.51 21.53
CA VAL A 113 -4.05 2.05 20.18
C VAL A 113 -3.56 0.98 19.17
N GLU A 114 -4.30 0.81 18.09
CA GLU A 114 -4.05 -0.29 17.16
C GLU A 114 -3.86 0.21 15.73
N ALA A 115 -2.77 -0.20 15.08
CA ALA A 115 -2.49 0.19 13.69
C ALA A 115 -1.64 -0.85 12.97
N LEU A 116 -1.67 -0.82 11.64
CA LEU A 116 -0.83 -1.70 10.81
C LEU A 116 0.60 -1.22 10.89
N SER A 117 1.52 -2.17 10.89
CA SER A 117 2.92 -1.82 10.73
C SER A 117 3.57 -2.66 9.64
N LEU A 118 4.76 -2.27 9.23
CA LEU A 118 5.52 -3.11 8.32
C LEU A 118 6.19 -4.21 9.11
N ILE A 119 5.93 -5.45 8.72
CA ILE A 119 6.59 -6.58 9.34
C ILE A 119 7.59 -7.16 8.33
N TYR A 120 8.84 -7.33 8.74
CA TYR A 120 9.86 -7.82 7.83
C TYR A 120 10.67 -8.95 8.44
N ASN A 121 11.17 -9.81 7.56
CA ASN A 121 12.01 -10.94 7.92
C ASN A 121 13.47 -10.48 7.99
N LYS A 122 13.98 -10.36 9.21
CA LYS A 122 15.30 -9.79 9.44
C LYS A 122 16.37 -10.61 8.74
N ASP A 123 16.12 -11.91 8.59
CA ASP A 123 17.06 -12.77 7.91
C ASP A 123 17.13 -12.43 6.42
N LEU A 124 15.96 -12.31 5.78
CA LEU A 124 15.89 -12.02 4.35
C LEU A 124 16.26 -10.58 4.06
N LEU A 125 16.05 -9.73 5.05
CA LEU A 125 15.99 -8.30 4.83
C LEU A 125 16.34 -7.57 6.11
N PRO A 126 17.64 -7.36 6.37
CA PRO A 126 18.11 -6.75 7.60
C PRO A 126 17.79 -5.26 7.66
N ASN A 127 17.95 -4.55 6.55
CA ASN A 127 17.56 -3.14 6.50
C ASN A 127 16.31 -2.96 5.65
N PRO A 128 15.14 -2.89 6.31
CA PRO A 128 13.88 -2.78 5.58
C PRO A 128 13.76 -1.42 4.87
N PRO A 129 13.12 -1.39 3.70
CA PRO A 129 13.01 -0.18 2.89
C PRO A 129 12.27 0.94 3.62
N LYS A 130 12.66 2.18 3.41
CA LYS A 130 11.93 3.29 3.99
C LYS A 130 10.79 3.71 3.07
N THR A 131 10.88 3.33 1.79
CA THR A 131 9.90 3.79 0.79
C THR A 131 9.24 2.65 0.00
N TRP A 132 8.03 2.93 -0.47
CA TRP A 132 7.34 2.00 -1.33
C TRP A 132 8.13 1.86 -2.63
N GLU A 133 8.80 2.93 -3.02
CA GLU A 133 9.50 3.00 -4.30
C GLU A 133 10.64 1.98 -4.44
N GLU A 134 11.26 1.59 -3.34
CA GLU A 134 12.43 0.69 -3.36
C GLU A 134 12.03 -0.74 -3.59
N ILE A 135 10.74 -0.99 -3.46
CA ILE A 135 10.29 -2.34 -3.29
C ILE A 135 10.30 -3.18 -4.58
N PRO A 136 9.97 -2.57 -5.74
CA PRO A 136 10.16 -3.33 -6.98
C PRO A 136 11.59 -3.88 -7.11
N ALA A 137 12.57 -3.01 -6.89
CA ALA A 137 13.98 -3.37 -6.91
C ALA A 137 14.26 -4.56 -5.98
N LEU A 138 13.80 -4.45 -4.74
CA LEU A 138 14.04 -5.50 -3.78
C LEU A 138 13.40 -6.79 -4.24
N ASP A 139 12.20 -6.72 -4.82
CA ASP A 139 11.53 -7.93 -5.27
C ASP A 139 12.34 -8.61 -6.36
N LYS A 140 12.87 -7.83 -7.29
CA LYS A 140 13.78 -8.34 -8.31
C LYS A 140 14.88 -9.20 -7.71
N GLU A 141 15.58 -8.62 -6.75
CA GLU A 141 16.63 -9.31 -6.01
C GLU A 141 16.16 -10.59 -5.35
N LEU A 142 15.03 -10.50 -4.65
CA LEU A 142 14.56 -11.62 -3.88
C LEU A 142 14.00 -12.71 -4.76
N LYS A 143 13.38 -12.31 -5.88
CA LYS A 143 12.80 -13.29 -6.80
C LYS A 143 13.90 -14.14 -7.45
N ALA A 144 15.08 -13.56 -7.60
CA ALA A 144 16.20 -14.28 -8.20
C ALA A 144 16.58 -15.51 -7.37
N LYS A 145 16.32 -15.47 -6.07
CA LYS A 145 16.64 -16.62 -5.23
C LYS A 145 15.41 -17.32 -4.69
N GLY A 146 14.26 -17.07 -5.30
CA GLY A 146 13.07 -17.83 -4.98
C GLY A 146 12.21 -17.26 -3.85
N LYS A 147 12.38 -15.98 -3.59
CA LYS A 147 11.59 -15.28 -2.58
C LYS A 147 10.86 -14.08 -3.17
N SER A 148 10.01 -13.44 -2.37
CA SER A 148 9.40 -12.20 -2.80
C SER A 148 9.64 -11.16 -1.73
N ALA A 149 9.53 -9.90 -2.13
CA ALA A 149 9.73 -8.79 -1.21
C ALA A 149 8.58 -8.61 -0.23
N LEU A 150 7.36 -8.74 -0.75
CA LEU A 150 6.20 -8.25 -0.03
C LEU A 150 4.93 -8.99 -0.40
N MET A 151 4.27 -9.56 0.60
CA MET A 151 2.92 -10.07 0.43
C MET A 151 2.02 -9.64 1.57
N PHE A 152 0.88 -9.05 1.23
CA PHE A 152 -0.11 -8.63 2.22
C PHE A 152 -1.51 -8.62 1.62
N ASN A 153 -2.51 -8.60 2.50
CA ASN A 153 -3.91 -8.64 2.11
C ASN A 153 -4.30 -7.54 1.12
N LEU A 154 -4.52 -7.93 -0.12
CA LEU A 154 -4.90 -6.96 -1.15
C LEU A 154 -6.43 -6.90 -1.32
N GLN A 155 -7.16 -7.71 -0.56
CA GLN A 155 -8.61 -7.85 -0.74
C GLN A 155 -9.42 -6.85 0.07
N GLU A 156 -8.91 -6.50 1.25
CA GLU A 156 -9.57 -5.54 2.13
C GLU A 156 -8.89 -4.19 2.12
N PRO A 157 -9.63 -3.15 1.75
CA PRO A 157 -9.21 -1.74 1.74
C PRO A 157 -8.47 -1.35 3.01
N TYR A 158 -8.88 -1.88 4.16
CA TYR A 158 -8.22 -1.58 5.43
C TYR A 158 -6.70 -1.72 5.27
N PHE A 159 -6.31 -2.69 4.46
CA PHE A 159 -4.90 -2.99 4.24
C PHE A 159 -4.29 -2.15 3.12
N THR A 160 -5.06 -1.87 2.07
CA THR A 160 -4.49 -1.18 0.92
C THR A 160 -4.62 0.33 1.08
N TRP A 161 -5.42 0.75 2.05
CA TRP A 161 -5.67 2.18 2.26
C TRP A 161 -4.48 3.03 2.74
N PRO A 162 -3.61 2.51 3.64
CA PRO A 162 -2.53 3.39 4.09
C PRO A 162 -1.62 3.92 2.97
N LEU A 163 -1.50 3.18 1.87
CA LEU A 163 -0.77 3.63 0.68
C LEU A 163 -1.62 4.58 -0.17
N ILE A 164 -2.89 4.22 -0.36
CA ILE A 164 -3.80 5.03 -1.16
C ILE A 164 -3.99 6.40 -0.50
N ALA A 165 -3.86 6.42 0.83
CA ALA A 165 -4.06 7.65 1.61
C ALA A 165 -2.82 8.54 1.63
N ALA A 166 -1.65 7.95 1.41
CA ALA A 166 -0.39 8.61 1.73
C ALA A 166 -0.14 9.91 0.96
N ASP A 167 -0.48 9.95 -0.32
CA ASP A 167 -0.19 11.14 -1.14
C ASP A 167 -1.36 12.14 -1.18
N GLY A 168 -2.45 11.82 -0.49
CA GLY A 168 -3.54 12.77 -0.41
C GLY A 168 -4.91 12.18 -0.17
N GLY A 169 -4.96 10.86 0.03
CA GLY A 169 -6.22 10.23 0.34
C GLY A 169 -6.67 10.59 1.75
N TYR A 170 -7.96 10.39 1.99
CA TYR A 170 -8.57 10.61 3.29
C TYR A 170 -10.01 10.11 3.22
N ALA A 171 -10.52 9.58 4.34
CA ALA A 171 -11.92 9.16 4.38
C ALA A 171 -12.84 10.39 4.52
N PHE A 172 -12.64 11.11 5.62
CA PHE A 172 -13.31 12.39 5.87
C PHE A 172 -12.35 13.27 6.66
N LYS A 173 -12.34 14.57 6.38
CA LYS A 173 -11.45 15.48 7.11
C LYS A 173 -12.11 15.93 8.41
N TYR A 174 -11.29 16.09 9.45
CA TYR A 174 -11.78 16.25 10.82
C TYR A 174 -12.10 17.70 11.22
N GLU A 175 -12.73 18.44 10.33
CA GLU A 175 -13.04 19.85 10.59
C GLU A 175 -14.00 20.00 11.77
N ASN A 176 -13.68 20.95 12.66
CA ASN A 176 -14.52 21.29 13.82
C ASN A 176 -14.75 20.14 14.78
N GLY A 177 -13.71 19.35 15.06
CA GLY A 177 -13.80 18.26 16.01
C GLY A 177 -14.69 17.10 15.56
N LYS A 178 -15.70 17.41 14.75
CA LYS A 178 -16.52 16.40 14.12
C LYS A 178 -15.92 16.05 12.76
N TYR A 179 -16.64 15.25 11.97
CA TYR A 179 -16.17 14.86 10.64
C TYR A 179 -16.81 15.71 9.55
N ASP A 180 -16.07 15.92 8.47
CA ASP A 180 -16.62 16.58 7.28
C ASP A 180 -17.16 15.52 6.31
N ILE A 181 -18.48 15.40 6.26
CA ILE A 181 -19.15 14.36 5.49
C ILE A 181 -19.25 14.71 4.00
N LYS A 182 -18.94 15.96 3.66
CA LYS A 182 -19.14 16.45 2.30
C LYS A 182 -18.04 15.98 1.31
N ASP A 183 -16.78 16.23 1.65
CA ASP A 183 -15.69 15.76 0.79
C ASP A 183 -15.30 14.33 1.14
N VAL A 184 -15.56 13.41 0.21
CA VAL A 184 -15.13 12.03 0.36
C VAL A 184 -13.89 11.80 -0.52
N GLY A 185 -12.77 11.52 0.13
CA GLY A 185 -11.48 11.50 -0.55
C GLY A 185 -11.03 10.17 -1.13
N VAL A 186 -11.82 9.64 -2.05
CA VAL A 186 -11.43 8.45 -2.78
C VAL A 186 -11.27 8.79 -4.26
N ASP A 187 -11.74 9.98 -4.64
CA ASP A 187 -11.56 10.48 -6.00
C ASP A 187 -10.82 11.81 -5.97
N ASN A 188 -9.49 11.73 -5.92
CA ASN A 188 -8.62 12.88 -6.04
C ASN A 188 -7.29 12.42 -6.60
N ALA A 189 -6.35 13.34 -6.77
CA ALA A 189 -5.07 13.00 -7.40
C ALA A 189 -4.15 12.20 -6.49
N GLY A 190 -4.27 12.38 -5.18
CA GLY A 190 -3.35 11.76 -4.25
C GLY A 190 -3.66 10.28 -4.04
N ALA A 191 -4.95 9.97 -4.10
CA ALA A 191 -5.42 8.61 -3.99
C ALA A 191 -5.11 7.85 -5.26
N LYS A 192 -5.35 8.51 -6.39
CA LYS A 192 -5.10 7.94 -7.69
C LYS A 192 -3.64 7.49 -7.79
N ALA A 193 -2.72 8.36 -7.38
CA ALA A 193 -1.28 8.04 -7.37
C ALA A 193 -0.97 6.83 -6.49
N GLY A 194 -1.66 6.74 -5.36
CA GLY A 194 -1.48 5.63 -4.45
C GLY A 194 -1.87 4.34 -5.13
N LEU A 195 -3.10 4.30 -5.63
CA LEU A 195 -3.65 3.11 -6.27
C LEU A 195 -2.89 2.73 -7.54
N THR A 196 -2.38 3.72 -8.27
CA THR A 196 -1.62 3.42 -9.49
C THR A 196 -0.27 2.78 -9.18
N PHE A 197 0.40 3.24 -8.12
CA PHE A 197 1.62 2.58 -7.70
C PHE A 197 1.32 1.13 -7.30
N LEU A 198 0.19 0.90 -6.62
CA LEU A 198 -0.20 -0.45 -6.23
C LEU A 198 -0.43 -1.32 -7.45
N VAL A 199 -1.18 -0.76 -8.40
CA VAL A 199 -1.51 -1.44 -9.62
C VAL A 199 -0.24 -1.75 -10.44
N ASP A 200 0.75 -0.88 -10.39
CA ASP A 200 2.01 -1.15 -11.04
C ASP A 200 2.74 -2.33 -10.37
N LEU A 201 2.64 -2.45 -9.04
CA LEU A 201 3.24 -3.61 -8.37
C LEU A 201 2.64 -4.89 -8.90
N ILE A 202 1.35 -4.82 -9.16
CA ILE A 202 0.59 -5.99 -9.57
C ILE A 202 0.84 -6.36 -11.02
N LYS A 203 0.81 -5.39 -11.92
CA LYS A 203 0.95 -5.70 -13.33
C LYS A 203 2.40 -6.09 -13.69
N ASN A 204 3.37 -5.62 -12.91
CA ASN A 204 4.77 -6.02 -13.10
C ASN A 204 5.12 -7.33 -12.39
N LYS A 205 4.15 -7.95 -11.72
CA LYS A 205 4.29 -9.27 -11.09
C LYS A 205 5.11 -9.25 -9.77
N HIS A 206 5.16 -8.09 -9.12
CA HIS A 206 5.72 -8.04 -7.78
C HIS A 206 4.69 -8.51 -6.75
N MET A 207 3.42 -8.44 -7.12
CA MET A 207 2.35 -8.88 -6.23
C MET A 207 1.21 -9.45 -7.04
N ASN A 208 0.41 -10.28 -6.38
CA ASN A 208 -0.70 -10.94 -7.03
C ASN A 208 -2.02 -10.42 -6.46
N ALA A 209 -2.96 -10.10 -7.34
CA ALA A 209 -4.18 -9.45 -6.90
C ALA A 209 -5.05 -10.34 -6.02
N ASP A 210 -4.89 -11.65 -6.14
CA ASP A 210 -5.75 -12.56 -5.38
C ASP A 210 -5.20 -12.87 -3.98
N THR A 211 -4.07 -12.27 -3.64
CA THR A 211 -3.48 -12.49 -2.32
C THR A 211 -4.38 -11.97 -1.23
N ASP A 212 -4.82 -12.85 -0.34
CA ASP A 212 -5.66 -12.42 0.77
C ASP A 212 -4.93 -12.55 2.09
N TYR A 213 -5.67 -12.44 3.20
CA TYR A 213 -5.08 -12.48 4.53
C TYR A 213 -4.38 -13.79 4.84
N SER A 214 -5.06 -14.90 4.56
CA SER A 214 -4.46 -16.19 4.89
C SER A 214 -3.20 -16.45 4.03
N ILE A 215 -3.30 -16.17 2.74
CA ILE A 215 -2.16 -16.40 1.84
C ILE A 215 -0.90 -15.61 2.23
N ALA A 216 -1.07 -14.34 2.58
CA ALA A 216 0.06 -13.48 2.95
C ALA A 216 0.67 -13.91 4.28
N GLU A 217 -0.20 -14.25 5.23
CA GLU A 217 0.26 -14.67 6.55
C GLU A 217 1.06 -15.98 6.47
N ALA A 218 0.54 -16.95 5.73
CA ALA A 218 1.24 -18.22 5.56
C ALA A 218 2.58 -17.97 4.87
N ALA A 219 2.55 -17.16 3.82
CA ALA A 219 3.76 -16.86 3.08
C ALA A 219 4.81 -16.22 3.97
N PHE A 220 4.45 -15.21 4.75
CA PHE A 220 5.45 -14.60 5.62
C PHE A 220 5.93 -15.57 6.70
N ASN A 221 4.98 -16.30 7.29
CA ASN A 221 5.30 -17.12 8.45
C ASN A 221 6.05 -18.42 8.07
N LYS A 222 6.24 -18.64 6.77
CA LYS A 222 7.03 -19.79 6.31
C LYS A 222 8.37 -19.41 5.69
N GLY A 223 8.69 -18.12 5.72
CA GLY A 223 9.97 -17.65 5.19
C GLY A 223 9.96 -17.37 3.69
N GLU A 224 8.78 -17.34 3.07
CA GLU A 224 8.71 -17.18 1.61
C GLU A 224 8.78 -15.74 1.14
N THR A 225 8.42 -14.80 2.00
CA THR A 225 8.42 -13.39 1.63
C THR A 225 9.15 -12.57 2.68
N ALA A 226 9.88 -11.55 2.25
CA ALA A 226 10.69 -10.77 3.17
C ALA A 226 9.86 -9.83 4.04
N MET A 227 8.66 -9.50 3.58
CA MET A 227 7.82 -8.55 4.30
C MET A 227 6.32 -8.83 4.20
N THR A 228 5.60 -8.32 5.19
CA THR A 228 4.15 -8.37 5.20
C THR A 228 3.64 -7.13 5.93
N ILE A 229 2.36 -6.80 5.72
CA ILE A 229 1.72 -5.69 6.40
C ILE A 229 0.55 -6.20 7.23
N ASN A 230 0.66 -6.08 8.54
CA ASN A 230 -0.36 -6.55 9.46
C ASN A 230 -0.31 -5.83 10.80
N GLY A 231 -1.18 -6.24 11.72
CA GLY A 231 -1.29 -5.57 13.01
C GLY A 231 -0.92 -6.47 14.17
N PRO A 232 -0.94 -5.91 15.39
CA PRO A 232 -0.42 -6.61 16.58
C PRO A 232 -1.07 -7.96 16.81
N TRP A 233 -2.30 -8.11 16.35
CA TRP A 233 -3.04 -9.35 16.48
C TRP A 233 -2.38 -10.51 15.78
N ALA A 234 -1.38 -10.21 14.95
CA ALA A 234 -0.81 -11.24 14.08
C ALA A 234 0.54 -11.70 14.61
N TRP A 235 1.11 -10.88 15.48
CA TRP A 235 2.38 -11.15 16.13
C TRP A 235 2.48 -12.57 16.68
N SER A 236 1.39 -13.04 17.28
CA SER A 236 1.39 -14.33 17.98
C SER A 236 1.73 -15.51 17.06
N ASN A 237 1.00 -15.65 15.96
CA ASN A 237 1.29 -16.67 14.97
C ASN A 237 2.72 -16.59 14.45
N ILE A 238 3.26 -15.38 14.32
CA ILE A 238 4.63 -15.25 13.84
C ILE A 238 5.61 -15.72 14.89
N ASP A 239 5.27 -15.45 16.15
CA ASP A 239 6.07 -15.89 17.28
C ASP A 239 6.25 -17.41 17.25
N THR A 240 5.15 -18.13 17.07
CA THR A 240 5.18 -19.59 16.96
C THR A 240 6.02 -20.05 15.78
N SER A 241 5.86 -19.37 14.65
CA SER A 241 6.52 -19.74 13.40
C SER A 241 8.03 -19.67 13.53
N LYS A 242 8.50 -18.88 14.49
CA LYS A 242 9.92 -18.71 14.79
C LYS A 242 10.71 -18.02 13.69
N VAL A 243 10.01 -17.34 12.78
CA VAL A 243 10.69 -16.47 11.83
C VAL A 243 11.33 -15.34 12.61
N ASN A 244 12.56 -14.98 12.28
CA ASN A 244 13.22 -13.91 12.99
C ASN A 244 12.77 -12.56 12.44
N TYR A 245 11.69 -12.03 12.99
CA TYR A 245 11.10 -10.81 12.45
C TYR A 245 11.25 -9.62 13.38
N GLY A 246 11.01 -8.44 12.80
CA GLY A 246 10.95 -7.20 13.55
C GLY A 246 9.78 -6.45 12.93
N VAL A 247 9.37 -5.38 13.58
CA VAL A 247 8.21 -4.63 13.12
C VAL A 247 8.59 -3.16 13.10
N THR A 248 8.30 -2.46 12.00
CA THR A 248 8.84 -1.11 11.86
C THR A 248 7.82 -0.17 11.23
N VAL A 249 8.23 1.08 11.05
CA VAL A 249 7.42 2.11 10.41
C VAL A 249 6.98 1.72 8.99
N LEU A 250 5.73 1.99 8.63
CA LEU A 250 5.26 1.77 7.28
C LEU A 250 6.04 2.64 6.29
N PRO A 251 6.34 2.10 5.12
CA PRO A 251 7.13 2.83 4.12
C PRO A 251 6.40 4.06 3.57
N THR A 252 7.16 5.06 3.16
CA THR A 252 6.59 6.26 2.58
C THR A 252 6.34 6.11 1.08
N PHE A 253 5.44 6.94 0.57
CA PHE A 253 5.12 7.00 -0.85
C PHE A 253 5.10 8.48 -1.23
N LYS A 254 5.87 8.81 -2.27
CA LYS A 254 6.10 10.19 -2.67
C LYS A 254 6.47 11.07 -1.46
N GLY A 255 7.27 10.51 -0.55
CA GLY A 255 7.82 11.24 0.58
C GLY A 255 6.93 11.30 1.81
N GLN A 256 5.63 11.09 1.61
CA GLN A 256 4.64 11.19 2.68
C GLN A 256 4.44 9.87 3.42
N PRO A 257 4.08 9.93 4.71
CA PRO A 257 3.87 8.70 5.51
C PRO A 257 2.71 7.85 4.99
N SER A 258 2.85 6.53 5.03
CA SER A 258 1.68 5.68 4.87
C SER A 258 0.76 5.93 6.07
N LYS A 259 -0.51 6.15 5.80
CA LYS A 259 -1.47 6.52 6.83
C LYS A 259 -2.45 5.39 7.13
N PRO A 260 -2.10 4.53 8.08
CA PRO A 260 -3.03 3.44 8.37
C PRO A 260 -4.15 3.93 9.26
N PHE A 261 -5.30 3.29 9.17
CA PHE A 261 -6.39 3.65 10.06
C PHE A 261 -6.07 3.22 11.49
N VAL A 262 -6.50 4.04 12.47
CA VAL A 262 -6.25 3.71 13.86
C VAL A 262 -7.49 3.23 14.58
N GLY A 263 -7.34 2.15 15.35
CA GLY A 263 -8.41 1.69 16.21
C GLY A 263 -8.08 1.96 17.66
N VAL A 264 -9.01 2.60 18.37
CA VAL A 264 -8.79 2.89 19.79
C VAL A 264 -9.77 2.14 20.68
N LEU A 265 -9.24 1.15 21.38
CA LEU A 265 -9.99 0.41 22.39
C LEU A 265 -10.37 1.40 23.48
N SER A 266 -11.66 1.49 23.73
CA SER A 266 -12.17 2.56 24.55
C SER A 266 -13.07 1.99 25.62
N ALA A 267 -13.17 2.67 26.77
CA ALA A 267 -14.10 2.24 27.81
C ALA A 267 -15.15 3.29 28.02
N GLY A 268 -16.40 2.91 27.76
CA GLY A 268 -17.55 3.78 27.93
C GLY A 268 -18.35 3.47 29.19
N ILE A 269 -19.05 4.47 29.69
CA ILE A 269 -19.89 4.29 30.88
C ILE A 269 -21.36 4.26 30.45
N ASN A 270 -22.08 3.23 30.87
CA ASN A 270 -23.50 3.08 30.50
C ASN A 270 -24.30 4.30 30.92
N ALA A 271 -25.05 4.87 29.98
CA ALA A 271 -25.91 6.02 30.28
C ALA A 271 -26.91 5.72 31.39
N ALA A 272 -27.26 4.45 31.55
CA ALA A 272 -28.29 4.07 32.50
C ALA A 272 -27.70 3.63 33.83
N SER A 273 -26.38 3.77 33.97
CA SER A 273 -25.68 3.36 35.17
C SER A 273 -25.89 4.35 36.31
N PRO A 274 -26.15 3.82 37.52
CA PRO A 274 -26.24 4.55 38.79
C PRO A 274 -24.87 4.63 39.48
N ASN A 275 -23.85 4.09 38.83
CA ASN A 275 -22.53 4.02 39.44
C ASN A 275 -21.50 4.83 38.65
N LYS A 276 -21.94 5.95 38.11
CA LYS A 276 -21.14 6.66 37.14
C LYS A 276 -19.87 7.23 37.75
N GLU A 277 -19.95 7.63 39.02
CA GLU A 277 -18.80 8.23 39.71
C GLU A 277 -17.83 7.12 40.11
N LEU A 278 -18.37 5.99 40.54
CA LEU A 278 -17.57 4.79 40.81
C LEU A 278 -16.82 4.36 39.54
N ALA A 279 -17.51 4.37 38.41
CA ALA A 279 -16.94 3.93 37.15
C ALA A 279 -15.83 4.89 36.71
N LYS A 280 -16.07 6.18 36.90
CA LYS A 280 -15.09 7.22 36.61
C LYS A 280 -13.85 6.99 37.47
N GLU A 281 -14.11 6.80 38.77
CA GLU A 281 -13.07 6.51 39.73
C GLU A 281 -12.24 5.27 39.33
N PHE A 282 -12.93 4.17 39.01
CA PHE A 282 -12.29 2.94 38.55
C PHE A 282 -11.41 3.14 37.29
N LEU A 283 -11.98 3.76 36.28
CA LEU A 283 -11.25 3.92 35.03
C LEU A 283 -10.06 4.86 35.18
N GLU A 284 -10.25 6.01 35.83
CA GLU A 284 -9.19 7.03 35.86
C GLU A 284 -8.09 6.71 36.86
N ASN A 285 -8.47 6.27 38.05
CA ASN A 285 -7.49 6.11 39.14
C ASN A 285 -7.12 4.65 39.45
N TYR A 286 -7.73 3.70 38.76
CA TYR A 286 -7.29 2.31 38.92
C TYR A 286 -6.75 1.73 37.64
N LEU A 287 -7.58 1.70 36.58
CA LEU A 287 -7.18 1.15 35.28
C LEU A 287 -6.14 1.97 34.49
N LEU A 288 -6.44 3.25 34.31
CA LEU A 288 -5.53 4.11 33.53
C LEU A 288 -4.36 4.58 34.39
N THR A 289 -3.64 3.60 34.93
CA THR A 289 -2.41 3.82 35.69
C THR A 289 -1.43 2.80 35.20
N ASP A 290 -0.14 3.01 35.49
CA ASP A 290 0.89 2.08 35.06
C ASP A 290 0.58 0.65 35.55
N GLU A 291 0.16 0.55 36.80
CA GLU A 291 -0.07 -0.76 37.43
C GLU A 291 -1.36 -1.41 36.91
N GLY A 292 -2.34 -0.58 36.56
CA GLY A 292 -3.60 -1.07 36.02
C GLY A 292 -3.46 -1.66 34.62
N LEU A 293 -2.91 -0.87 33.70
CA LEU A 293 -2.68 -1.37 32.36
C LEU A 293 -1.69 -2.55 32.39
N GLU A 294 -0.76 -2.52 33.34
CA GLU A 294 0.22 -3.62 33.46
C GLU A 294 -0.47 -4.95 33.73
N ALA A 295 -1.44 -4.92 34.66
CA ALA A 295 -2.20 -6.12 35.06
C ALA A 295 -2.93 -6.70 33.89
N VAL A 296 -3.60 -5.83 33.15
CA VAL A 296 -4.28 -6.27 31.95
C VAL A 296 -3.26 -6.76 30.92
N ASN A 297 -2.19 -6.02 30.72
CA ASN A 297 -1.22 -6.31 29.66
C ASN A 297 -0.49 -7.63 29.87
N LYS A 298 -0.22 -7.99 31.13
CA LYS A 298 0.39 -9.28 31.48
C LYS A 298 -0.50 -10.48 31.13
N ASP A 299 -1.81 -10.31 31.31
CA ASP A 299 -2.77 -11.34 30.92
C ASP A 299 -2.83 -11.49 29.40
N LYS A 300 -3.09 -10.39 28.69
CA LYS A 300 -3.08 -10.37 27.24
C LYS A 300 -2.65 -9.01 26.73
N PRO A 301 -1.59 -8.99 25.90
CA PRO A 301 -0.94 -7.74 25.49
C PRO A 301 -1.90 -6.77 24.84
N LEU A 302 -1.91 -5.53 25.33
CA LEU A 302 -2.71 -4.47 24.75
C LEU A 302 -2.15 -3.89 23.46
N GLY A 303 -0.88 -4.17 23.17
CA GLY A 303 -0.20 -3.45 22.10
C GLY A 303 0.29 -2.11 22.62
N ALA A 304 0.12 -1.06 21.82
CA ALA A 304 0.40 0.28 22.31
C ALA A 304 -0.79 0.83 23.11
N VAL A 305 -0.49 1.68 24.09
CA VAL A 305 -1.53 2.21 24.95
C VAL A 305 -1.63 3.73 24.86
N ALA A 306 -2.81 4.24 25.23
CA ALA A 306 -3.10 5.66 25.22
C ALA A 306 -2.42 6.44 26.35
N LEU A 307 -2.14 5.75 27.45
CA LEU A 307 -1.56 6.39 28.63
C LEU A 307 -0.08 6.69 28.37
N LYS A 308 0.33 7.95 28.50
CA LYS A 308 1.70 8.31 28.12
C LYS A 308 2.76 7.62 28.99
N SER A 309 2.59 7.66 30.32
CA SER A 309 3.55 7.04 31.24
C SER A 309 3.79 5.57 30.91
N TYR A 310 2.73 4.80 30.70
CA TYR A 310 2.91 3.37 30.48
C TYR A 310 3.34 3.08 29.04
N GLU A 311 2.87 3.88 28.08
CA GLU A 311 3.31 3.70 26.70
C GLU A 311 4.80 3.93 26.57
N GLU A 312 5.33 4.85 27.37
CA GLU A 312 6.77 5.11 27.36
C GLU A 312 7.55 3.86 27.73
N GLU A 313 6.98 3.04 28.62
CA GLU A 313 7.65 1.82 29.04
C GLU A 313 7.52 0.74 27.98
N LEU A 314 6.29 0.48 27.53
CA LEU A 314 6.01 -0.59 26.58
C LEU A 314 6.76 -0.37 25.27
N ALA A 315 6.93 0.89 24.92
CA ALA A 315 7.60 1.27 23.69
C ALA A 315 9.08 0.86 23.67
N LYS A 316 9.56 0.28 24.76
CA LYS A 316 10.93 -0.24 24.78
C LYS A 316 10.99 -1.54 23.97
N ASP A 317 9.82 -2.13 23.73
CA ASP A 317 9.65 -3.12 22.69
C ASP A 317 9.54 -2.34 21.38
N PRO A 318 10.42 -2.64 20.40
CA PRO A 318 10.44 -1.89 19.15
C PRO A 318 9.14 -2.03 18.36
N ARG A 319 8.53 -3.21 18.46
CA ARG A 319 7.27 -3.49 17.74
C ARG A 319 6.10 -2.58 18.20
N ILE A 320 5.99 -2.40 19.50
CA ILE A 320 4.98 -1.52 20.06
C ILE A 320 5.28 -0.09 19.65
N ALA A 321 6.56 0.28 19.73
CA ALA A 321 7.02 1.60 19.31
C ALA A 321 6.59 1.89 17.87
N ALA A 322 6.84 0.93 16.98
CA ALA A 322 6.42 1.05 15.59
C ALA A 322 4.91 1.17 15.47
N THR A 323 4.19 0.43 16.31
CA THR A 323 2.74 0.45 16.25
C THR A 323 2.23 1.86 16.58
N MET A 324 2.86 2.52 17.56
CA MET A 324 2.42 3.86 17.95
C MET A 324 2.88 4.91 16.93
N GLU A 325 4.11 4.75 16.42
CA GLU A 325 4.62 5.67 15.40
C GLU A 325 3.74 5.65 14.15
N ASN A 326 3.27 4.46 13.80
CA ASN A 326 2.41 4.33 12.65
C ASN A 326 1.01 4.84 12.96
N ALA A 327 0.57 4.64 14.19
CA ALA A 327 -0.70 5.18 14.67
C ALA A 327 -0.70 6.71 14.63
N GLN A 328 0.36 7.31 15.17
CA GLN A 328 0.49 8.77 15.20
C GLN A 328 0.61 9.35 13.79
N LYS A 329 0.97 8.51 12.83
CA LYS A 329 1.09 8.93 11.43
C LYS A 329 -0.15 8.62 10.60
N GLY A 330 -1.09 7.87 11.17
CA GLY A 330 -2.28 7.49 10.46
C GLY A 330 -3.49 8.38 10.71
N GLU A 331 -4.66 7.85 10.39
CA GLU A 331 -5.90 8.56 10.60
C GLU A 331 -6.81 7.73 11.49
N ILE A 332 -7.42 8.40 12.47
CA ILE A 332 -8.36 7.73 13.36
C ILE A 332 -9.51 7.17 12.55
N MET A 333 -9.82 5.90 12.77
CA MET A 333 -10.94 5.26 12.11
C MET A 333 -12.22 6.05 12.36
N PRO A 334 -12.90 6.48 11.28
CA PRO A 334 -14.12 7.25 11.50
C PRO A 334 -15.20 6.48 12.26
N ASN A 335 -15.60 7.04 13.39
CA ASN A 335 -16.64 6.50 14.24
C ASN A 335 -18.04 6.78 13.70
N ILE A 336 -18.13 6.88 12.38
CA ILE A 336 -19.31 7.41 11.70
C ILE A 336 -20.06 6.32 10.93
N PRO A 337 -21.38 6.47 10.79
CA PRO A 337 -22.23 5.48 10.12
C PRO A 337 -21.91 5.24 8.66
N GLN A 338 -21.67 6.29 7.87
CA GLN A 338 -21.47 6.13 6.43
C GLN A 338 -20.06 5.65 6.09
N MET A 339 -19.38 5.10 7.09
CA MET A 339 -18.12 4.43 6.87
C MET A 339 -18.35 3.17 6.05
N SER A 340 -19.50 2.54 6.27
CA SER A 340 -19.84 1.31 5.57
C SER A 340 -20.00 1.53 4.06
N ALA A 341 -20.57 2.67 3.68
CA ALA A 341 -20.69 3.03 2.27
C ALA A 341 -19.30 3.24 1.67
N PHE A 342 -18.46 3.96 2.43
CA PHE A 342 -17.07 4.19 2.08
C PHE A 342 -16.33 2.88 1.81
N TRP A 343 -16.25 2.02 2.82
CA TRP A 343 -15.58 0.74 2.70
C TRP A 343 -16.01 -0.04 1.47
N TYR A 344 -17.32 -0.17 1.30
CA TYR A 344 -17.84 -0.94 0.18
C TYR A 344 -17.39 -0.33 -1.14
N ALA A 345 -17.43 0.99 -1.24
CA ALA A 345 -16.97 1.69 -2.45
C ALA A 345 -15.49 1.44 -2.68
N VAL A 346 -14.67 1.78 -1.69
CA VAL A 346 -13.24 1.59 -1.76
C VAL A 346 -12.90 0.15 -2.12
N ARG A 347 -13.50 -0.80 -1.41
CA ARG A 347 -13.30 -2.22 -1.66
C ARG A 347 -13.46 -2.61 -3.13
N THR A 348 -14.54 -2.13 -3.76
CA THR A 348 -14.81 -2.50 -5.14
C THR A 348 -13.90 -1.76 -6.11
N ALA A 349 -13.51 -0.53 -5.75
CA ALA A 349 -12.61 0.26 -6.57
C ALA A 349 -11.23 -0.39 -6.64
N VAL A 350 -10.79 -0.97 -5.54
CA VAL A 350 -9.48 -1.60 -5.49
C VAL A 350 -9.49 -2.89 -6.29
N ILE A 351 -10.53 -3.71 -6.11
CA ILE A 351 -10.61 -4.98 -6.83
C ILE A 351 -10.65 -4.73 -8.33
N ASN A 352 -11.50 -3.80 -8.75
CA ASN A 352 -11.60 -3.46 -10.17
C ASN A 352 -10.25 -3.02 -10.75
N ALA A 353 -9.54 -2.19 -10.02
CA ALA A 353 -8.28 -1.63 -10.51
C ALA A 353 -7.21 -2.71 -10.48
N ALA A 354 -7.11 -3.42 -9.38
CA ALA A 354 -6.11 -4.46 -9.24
C ALA A 354 -6.34 -5.61 -10.22
N SER A 355 -7.55 -5.73 -10.73
CA SER A 355 -7.88 -6.81 -11.65
C SER A 355 -7.72 -6.37 -13.10
N GLY A 356 -7.62 -5.06 -13.30
CA GLY A 356 -7.48 -4.51 -14.64
C GLY A 356 -8.85 -4.39 -15.29
N ARG A 357 -9.88 -4.70 -14.52
CA ARG A 357 -11.26 -4.51 -14.96
C ARG A 357 -11.47 -3.07 -15.38
N GLN A 358 -11.03 -2.16 -14.52
CA GLN A 358 -11.15 -0.74 -14.75
C GLN A 358 -9.78 -0.08 -14.62
N THR A 359 -9.60 1.03 -15.32
CA THR A 359 -8.42 1.87 -15.11
C THR A 359 -8.50 2.41 -13.70
N VAL A 360 -7.36 2.80 -13.13
CA VAL A 360 -7.37 3.39 -11.80
C VAL A 360 -8.27 4.63 -11.80
N ASP A 361 -8.31 5.35 -12.93
CA ASP A 361 -9.09 6.58 -13.03
C ASP A 361 -10.59 6.30 -12.94
N GLU A 362 -11.11 5.48 -13.86
CA GLU A 362 -12.52 5.15 -13.86
C GLU A 362 -12.93 4.47 -12.54
N ALA A 363 -12.06 3.61 -12.02
CA ALA A 363 -12.37 2.85 -10.80
C ALA A 363 -12.66 3.72 -9.59
N LEU A 364 -11.93 4.82 -9.46
CA LEU A 364 -12.02 5.65 -8.26
C LEU A 364 -13.17 6.64 -8.30
N LYS A 365 -13.39 7.25 -9.47
CA LYS A 365 -14.47 8.21 -9.61
C LYS A 365 -15.82 7.48 -9.58
N ASP A 366 -15.79 6.18 -9.85
CA ASP A 366 -17.01 5.37 -9.88
C ASP A 366 -17.49 4.97 -8.49
N ALA A 367 -16.54 4.56 -7.65
CA ALA A 367 -16.86 4.19 -6.28
C ALA A 367 -17.05 5.43 -5.41
N GLN A 368 -18.06 6.23 -5.72
CA GLN A 368 -18.33 7.49 -5.03
C GLN A 368 -19.72 8.02 -5.41
N THR A 369 -20.25 7.51 -6.51
CA THR A 369 -21.50 7.99 -7.11
C THR A 369 -22.72 7.75 -6.22
N SER B 1 -6.99 -17.71 -23.05
CA SER B 1 -7.77 -18.92 -22.83
C SER B 1 -7.14 -20.12 -23.52
N ASP B 2 -5.82 -20.06 -23.71
CA ASP B 2 -5.02 -21.20 -24.18
C ASP B 2 -3.52 -20.87 -24.17
N LEU B 3 -2.95 -20.65 -25.36
CA LEU B 3 -1.51 -20.54 -25.52
C LEU B 3 -0.94 -19.20 -25.10
N GLY B 4 -1.72 -18.14 -25.26
CA GLY B 4 -1.25 -16.81 -24.96
C GLY B 4 -0.89 -16.70 -23.49
N LYS B 5 -1.76 -17.26 -22.66
CA LYS B 5 -1.60 -17.33 -21.22
C LYS B 5 -0.31 -18.04 -20.84
N LYS B 6 -0.14 -19.25 -21.39
CA LYS B 6 1.03 -20.06 -21.15
C LYS B 6 2.30 -19.28 -21.55
N LEU B 7 2.19 -18.56 -22.67
CA LEU B 7 3.29 -17.76 -23.18
C LEU B 7 3.67 -16.59 -22.27
N LEU B 8 2.68 -15.85 -21.81
CA LEU B 8 2.95 -14.75 -20.89
C LEU B 8 3.68 -15.32 -19.67
N GLU B 9 3.19 -16.46 -19.19
CA GLU B 9 3.79 -17.14 -18.05
C GLU B 9 5.23 -17.56 -18.32
N ALA B 10 5.48 -18.20 -19.46
CA ALA B 10 6.83 -18.69 -19.74
C ALA B 10 7.79 -17.51 -19.97
N ALA B 11 7.27 -16.41 -20.50
CA ALA B 11 8.07 -15.21 -20.71
C ALA B 11 8.46 -14.59 -19.37
N HIS B 12 7.49 -14.51 -18.48
CA HIS B 12 7.71 -14.01 -17.13
C HIS B 12 8.79 -14.86 -16.45
N ALA B 13 8.64 -16.17 -16.56
CA ALA B 13 9.49 -17.11 -15.84
C ALA B 13 10.87 -17.27 -16.48
N GLY B 14 11.06 -16.77 -17.69
CA GLY B 14 12.34 -16.97 -18.36
C GLY B 14 12.57 -18.41 -18.85
N GLN B 15 11.50 -19.12 -19.17
CA GLN B 15 11.67 -20.46 -19.68
C GLN B 15 11.75 -20.43 -21.19
N ASP B 16 12.97 -20.21 -21.70
CA ASP B 16 13.30 -20.03 -23.13
C ASP B 16 12.64 -21.04 -24.05
N ASP B 17 12.93 -22.31 -23.81
CA ASP B 17 12.48 -23.37 -24.72
C ASP B 17 10.95 -23.50 -24.69
N GLU B 18 10.35 -23.27 -23.53
CA GLU B 18 8.89 -23.29 -23.39
C GLU B 18 8.28 -22.16 -24.24
N VAL B 19 8.92 -21.00 -24.22
CA VAL B 19 8.43 -19.89 -25.02
C VAL B 19 8.54 -20.24 -26.50
N ARG B 20 9.63 -20.90 -26.86
CA ARG B 20 9.91 -21.10 -28.28
C ARG B 20 9.01 -22.18 -28.86
N ILE B 21 8.62 -23.17 -28.06
CA ILE B 21 7.73 -24.19 -28.61
C ILE B 21 6.28 -23.67 -28.66
N LEU B 22 5.88 -22.84 -27.70
CA LEU B 22 4.57 -22.18 -27.75
C LEU B 22 4.44 -21.38 -29.05
N MET B 23 5.45 -20.58 -29.36
CA MET B 23 5.56 -19.92 -30.65
C MET B 23 5.36 -20.90 -31.82
N ALA B 24 6.21 -21.92 -31.90
CA ALA B 24 6.16 -22.89 -32.99
C ALA B 24 4.82 -23.62 -33.04
N ASN B 25 4.03 -23.51 -31.98
CA ASN B 25 2.69 -24.07 -31.98
C ASN B 25 1.60 -23.02 -32.24
N GLY B 26 2.01 -21.79 -32.53
CA GLY B 26 1.09 -20.77 -33.00
C GLY B 26 0.64 -19.69 -32.03
N ALA B 27 1.11 -19.73 -30.79
CA ALA B 27 0.75 -18.71 -29.80
C ALA B 27 0.81 -17.28 -30.35
N ASP B 28 -0.14 -16.43 -29.96
CA ASP B 28 -0.12 -15.02 -30.33
C ASP B 28 1.08 -14.40 -29.63
N VAL B 29 2.13 -14.08 -30.39
CA VAL B 29 3.33 -13.45 -29.83
C VAL B 29 3.03 -12.12 -29.09
N ASN B 30 1.87 -11.52 -29.37
CA ASN B 30 1.44 -10.28 -28.75
C ASN B 30 0.25 -10.45 -27.82
N ALA B 31 0.05 -11.67 -27.33
CA ALA B 31 -0.98 -11.93 -26.32
C ALA B 31 -0.88 -10.96 -25.14
N MET B 32 -2.00 -10.44 -24.70
CA MET B 32 -2.03 -9.50 -23.60
C MET B 32 -2.80 -10.06 -22.41
N ASP B 33 -2.43 -9.62 -21.21
CA ASP B 33 -3.23 -9.89 -20.03
C ASP B 33 -4.22 -8.75 -19.82
N ASN B 34 -4.85 -8.69 -18.65
CA ASN B 34 -5.93 -7.72 -18.40
C ASN B 34 -5.34 -6.35 -18.13
N PHE B 35 -4.01 -6.26 -18.15
CA PHE B 35 -3.32 -4.98 -18.11
C PHE B 35 -2.73 -4.64 -19.44
N GLY B 36 -3.02 -5.44 -20.46
CA GLY B 36 -2.39 -5.28 -21.74
C GLY B 36 -0.89 -5.48 -21.71
N VAL B 37 -0.41 -6.19 -20.69
CA VAL B 37 1.01 -6.57 -20.63
C VAL B 37 1.25 -7.70 -21.62
N THR B 38 2.23 -7.52 -22.50
CA THR B 38 2.58 -8.52 -23.50
C THR B 38 3.77 -9.35 -23.04
N PRO B 39 4.01 -10.51 -23.68
CA PRO B 39 5.16 -11.33 -23.33
C PRO B 39 6.45 -10.56 -23.44
N LEU B 40 6.56 -9.71 -24.44
CA LEU B 40 7.72 -8.84 -24.61
C LEU B 40 7.91 -7.90 -23.43
N HIS B 41 6.82 -7.45 -22.81
CA HIS B 41 6.91 -6.61 -21.61
C HIS B 41 7.59 -7.34 -20.45
N LEU B 42 7.11 -8.55 -20.20
CA LEU B 42 7.53 -9.32 -19.05
C LEU B 42 8.99 -9.72 -19.18
N ALA B 43 9.38 -10.15 -20.38
CA ALA B 43 10.76 -10.58 -20.61
C ALA B 43 11.75 -9.41 -20.50
N ALA B 44 11.33 -8.24 -20.95
CA ALA B 44 12.13 -7.04 -20.88
C ALA B 44 12.27 -6.66 -19.43
N TYR B 45 11.15 -6.68 -18.73
CA TYR B 45 11.12 -6.27 -17.33
C TYR B 45 11.91 -7.23 -16.46
N TRP B 46 11.89 -8.51 -16.82
CA TRP B 46 12.45 -9.51 -15.92
C TRP B 46 13.82 -9.99 -16.38
N GLY B 47 14.33 -9.40 -17.45
CA GLY B 47 15.72 -9.63 -17.83
C GLY B 47 16.01 -10.85 -18.71
N HIS B 48 15.00 -11.35 -19.41
CA HIS B 48 15.23 -12.54 -20.22
C HIS B 48 15.56 -12.18 -21.67
N PHE B 49 16.85 -12.03 -21.93
CA PHE B 49 17.34 -11.53 -23.22
C PHE B 49 16.94 -12.43 -24.41
N GLU B 50 17.34 -13.69 -24.36
CA GLU B 50 17.04 -14.64 -25.43
C GLU B 50 15.54 -14.66 -25.75
N ILE B 51 14.70 -14.61 -24.73
CA ILE B 51 13.26 -14.56 -24.94
C ILE B 51 12.85 -13.25 -25.67
N VAL B 52 13.42 -12.13 -25.25
CA VAL B 52 13.18 -10.85 -25.91
C VAL B 52 13.50 -11.03 -27.41
N GLU B 53 14.66 -11.62 -27.67
CA GLU B 53 15.15 -11.85 -29.03
C GLU B 53 14.19 -12.73 -29.81
N VAL B 54 13.76 -13.82 -29.18
CA VAL B 54 12.86 -14.77 -29.81
C VAL B 54 11.53 -14.09 -30.15
N LEU B 55 10.98 -13.35 -29.20
CA LEU B 55 9.69 -12.69 -29.43
C LEU B 55 9.78 -11.66 -30.56
N LEU B 56 10.88 -10.89 -30.61
CA LEU B 56 11.07 -9.90 -31.66
C LEU B 56 11.19 -10.55 -33.02
N LYS B 57 11.97 -11.62 -33.08
CA LYS B 57 12.17 -12.40 -34.29
C LYS B 57 10.82 -12.91 -34.82
N TYR B 58 9.85 -13.11 -33.91
CA TYR B 58 8.53 -13.63 -34.28
C TYR B 58 7.49 -12.53 -34.55
N GLY B 59 7.91 -11.27 -34.47
CA GLY B 59 7.03 -10.18 -34.87
C GLY B 59 6.31 -9.54 -33.71
N ALA B 60 6.83 -9.72 -32.51
CA ALA B 60 6.36 -9.01 -31.34
C ALA B 60 6.31 -7.51 -31.57
N ASP B 61 5.22 -6.84 -31.18
CA ASP B 61 5.13 -5.40 -31.33
C ASP B 61 6.10 -4.73 -30.35
N VAL B 62 7.23 -4.31 -30.90
CA VAL B 62 8.33 -3.78 -30.11
C VAL B 62 7.95 -2.51 -29.35
N ASN B 63 6.92 -1.83 -29.83
CA ASN B 63 6.51 -0.55 -29.25
C ASN B 63 5.20 -0.62 -28.50
N ALA B 64 4.77 -1.83 -28.18
CA ALA B 64 3.49 -1.99 -27.51
C ALA B 64 3.49 -1.27 -26.16
N SER B 65 2.38 -0.64 -25.87
CA SER B 65 2.16 -0.01 -24.59
C SER B 65 1.11 -0.78 -23.83
N ASP B 66 1.35 -1.05 -22.55
CA ASP B 66 0.30 -1.69 -21.76
C ASP B 66 -0.73 -0.63 -21.34
N ALA B 67 -1.74 -1.02 -20.57
CA ALA B 67 -2.84 -0.10 -20.19
C ALA B 67 -2.36 1.05 -19.30
N THR B 68 -1.13 0.92 -18.85
CA THR B 68 -0.57 1.80 -17.86
C THR B 68 0.32 2.84 -18.56
N GLY B 69 0.59 2.59 -19.85
CA GLY B 69 1.45 3.45 -20.65
C GLY B 69 2.90 3.02 -20.82
N ASP B 70 3.28 1.86 -20.26
CA ASP B 70 4.67 1.37 -20.35
C ASP B 70 4.96 0.61 -21.62
N THR B 71 6.15 0.83 -22.14
CA THR B 71 6.64 0.10 -23.28
C THR B 71 7.78 -0.81 -22.83
N PRO B 72 8.10 -1.83 -23.62
CA PRO B 72 9.18 -2.70 -23.13
C PRO B 72 10.50 -1.95 -23.02
N LEU B 73 10.70 -0.92 -23.85
CA LEU B 73 11.89 -0.12 -23.71
C LEU B 73 11.96 0.58 -22.32
N HIS B 74 10.82 1.05 -21.83
CA HIS B 74 10.70 1.66 -20.50
C HIS B 74 11.08 0.68 -19.41
N LEU B 75 10.55 -0.53 -19.54
CA LEU B 75 10.72 -1.56 -18.53
C LEU B 75 12.18 -2.00 -18.42
N ALA B 76 12.80 -2.23 -19.58
CA ALA B 76 14.19 -2.62 -19.65
C ALA B 76 15.13 -1.54 -19.11
N ALA B 77 14.80 -0.27 -19.41
CA ALA B 77 15.59 0.85 -18.94
C ALA B 77 15.67 0.91 -17.42
N LYS B 78 14.62 0.54 -16.71
CA LYS B 78 14.67 0.70 -15.25
C LYS B 78 15.70 -0.24 -14.64
N TRP B 79 16.02 -1.33 -15.30
CA TRP B 79 16.90 -2.30 -14.70
C TRP B 79 18.33 -2.28 -15.29
N GLY B 80 18.59 -1.32 -16.18
CA GLY B 80 19.88 -1.24 -16.85
C GLY B 80 20.24 -2.47 -17.69
N TYR B 81 19.27 -3.07 -18.37
CA TYR B 81 19.54 -4.22 -19.24
C TYR B 81 20.08 -3.77 -20.57
N LEU B 82 21.40 -3.72 -20.72
CA LEU B 82 21.99 -3.18 -21.93
C LEU B 82 21.63 -3.99 -23.17
N GLY B 83 21.93 -5.28 -23.13
CA GLY B 83 21.62 -6.18 -24.22
C GLY B 83 20.16 -6.06 -24.67
N ILE B 84 19.25 -6.07 -23.71
CA ILE B 84 17.83 -6.06 -24.02
C ILE B 84 17.45 -4.74 -24.70
N VAL B 85 17.98 -3.65 -24.16
CA VAL B 85 17.72 -2.35 -24.72
C VAL B 85 18.28 -2.29 -26.14
N GLU B 86 19.50 -2.77 -26.30
CA GLU B 86 20.14 -2.74 -27.61
C GLU B 86 19.27 -3.47 -28.62
N VAL B 87 18.72 -4.62 -28.25
CA VAL B 87 18.04 -5.41 -29.26
C VAL B 87 16.66 -4.85 -29.53
N LEU B 88 16.03 -4.21 -28.54
CA LEU B 88 14.76 -3.56 -28.79
C LEU B 88 15.00 -2.38 -29.74
N LEU B 89 16.10 -1.66 -29.53
CA LEU B 89 16.43 -0.53 -30.37
C LEU B 89 16.67 -0.98 -31.80
N LYS B 90 17.24 -2.17 -31.95
CA LYS B 90 17.47 -2.78 -33.26
C LYS B 90 16.17 -3.11 -33.98
N TYR B 91 15.12 -3.43 -33.22
CA TYR B 91 13.85 -3.80 -33.82
C TYR B 91 12.89 -2.62 -33.89
N GLY B 92 13.39 -1.43 -33.56
CA GLY B 92 12.61 -0.21 -33.71
C GLY B 92 11.93 0.35 -32.47
N ALA B 93 12.40 -0.03 -31.29
CA ALA B 93 11.89 0.57 -30.07
C ALA B 93 11.95 2.10 -30.15
N ASP B 94 10.93 2.73 -29.58
CA ASP B 94 10.68 4.15 -29.75
C ASP B 94 11.30 4.95 -28.61
N VAL B 95 12.45 5.58 -28.86
CA VAL B 95 13.12 6.35 -27.82
C VAL B 95 12.32 7.58 -27.38
N ASN B 96 11.31 7.98 -28.16
CA ASN B 96 10.52 9.15 -27.80
C ASN B 96 9.29 8.87 -26.95
N ALA B 97 8.87 7.61 -26.91
CA ALA B 97 7.66 7.23 -26.19
C ALA B 97 7.73 7.58 -24.70
N GLN B 98 6.63 8.11 -24.17
CA GLN B 98 6.57 8.62 -22.83
C GLN B 98 5.64 7.79 -21.96
N ASP B 99 6.04 7.50 -20.73
CA ASP B 99 5.23 6.67 -19.85
C ASP B 99 4.24 7.53 -19.08
N LYS B 100 3.66 6.97 -18.02
CA LYS B 100 2.60 7.62 -17.25
C LYS B 100 3.05 8.96 -16.65
N PHE B 101 4.36 9.07 -16.42
CA PHE B 101 4.94 10.24 -15.78
C PHE B 101 5.57 11.18 -16.82
N GLY B 102 5.33 10.89 -18.09
CA GLY B 102 5.86 11.70 -19.18
C GLY B 102 7.33 11.42 -19.45
N LYS B 103 7.77 10.23 -19.06
CA LYS B 103 9.19 9.90 -19.15
C LYS B 103 9.51 8.99 -20.33
N THR B 104 10.67 9.22 -20.91
CA THR B 104 11.26 8.35 -21.93
C THR B 104 12.18 7.31 -21.30
N ALA B 105 12.61 6.32 -22.09
CA ALA B 105 13.59 5.37 -21.58
C ALA B 105 14.87 6.10 -21.17
N PHE B 106 15.19 7.17 -21.88
CA PHE B 106 16.34 7.99 -21.51
C PHE B 106 16.18 8.65 -20.13
N ASP B 107 15.04 9.29 -19.88
CA ASP B 107 14.76 9.87 -18.55
C ASP B 107 14.91 8.84 -17.43
N ILE B 108 14.33 7.66 -17.64
CA ILE B 108 14.42 6.59 -16.65
C ILE B 108 15.89 6.20 -16.40
N SER B 109 16.62 5.99 -17.50
CA SER B 109 18.03 5.66 -17.42
C SER B 109 18.78 6.74 -16.66
N ILE B 110 18.44 8.01 -16.89
CA ILE B 110 19.07 9.12 -16.15
C ILE B 110 18.68 9.06 -14.68
N ASP B 111 17.40 8.82 -14.42
CA ASP B 111 16.89 8.70 -13.06
C ASP B 111 17.62 7.63 -12.25
N ASN B 112 17.83 6.44 -12.82
CA ASN B 112 18.44 5.32 -12.09
C ASN B 112 19.96 5.28 -12.16
N GLY B 113 20.59 6.41 -12.48
CA GLY B 113 22.04 6.48 -12.62
C GLY B 113 22.76 5.62 -13.68
N ASN B 114 22.01 4.98 -14.57
CA ASN B 114 22.60 4.06 -15.56
C ASN B 114 23.24 4.73 -16.79
N GLU B 115 24.49 5.16 -16.63
CA GLU B 115 25.20 5.92 -17.67
C GLU B 115 25.38 5.13 -18.96
N ASP B 116 25.73 3.86 -18.84
CA ASP B 116 25.92 2.99 -19.99
C ASP B 116 24.65 2.97 -20.83
N LEU B 117 23.53 2.76 -20.15
CA LEU B 117 22.21 2.77 -20.77
C LEU B 117 21.84 4.12 -21.43
N ALA B 118 22.05 5.21 -20.71
CA ALA B 118 21.75 6.54 -21.22
C ALA B 118 22.50 6.80 -22.52
N GLU B 119 23.75 6.36 -22.58
CA GLU B 119 24.60 6.60 -23.74
C GLU B 119 24.01 5.95 -25.00
N ILE B 120 23.82 4.64 -24.95
CA ILE B 120 23.18 3.90 -26.02
C ILE B 120 21.88 4.54 -26.49
N LEU B 121 21.06 4.94 -25.52
CA LEU B 121 19.78 5.57 -25.80
C LEU B 121 19.99 6.93 -26.48
N CYS B 122 21.00 7.64 -25.99
CA CYS B 122 21.31 8.97 -26.44
C CYS B 122 21.77 8.94 -27.89
N LYS B 123 22.73 8.09 -28.21
CA LYS B 123 23.26 8.14 -29.56
C LYS B 123 22.28 7.51 -30.54
N ASN B 124 21.40 6.66 -30.04
CA ASN B 124 20.34 6.15 -30.89
C ASN B 124 19.37 7.27 -31.29
N LYS B 125 19.00 8.10 -30.32
CA LYS B 125 18.06 9.17 -30.61
C LYS B 125 18.68 10.10 -31.64
N ALA B 126 19.97 10.35 -31.49
CA ALA B 126 20.68 11.28 -32.38
C ALA B 126 20.81 10.72 -33.80
N GLN B 127 21.17 9.45 -33.91
CA GLN B 127 21.34 8.88 -35.25
C GLN B 127 19.99 8.75 -35.96
N GLN B 128 18.94 8.43 -35.20
CA GLN B 128 17.59 8.36 -35.78
C GLN B 128 17.15 9.75 -36.25
N ALA B 129 17.40 10.76 -35.42
CA ALA B 129 17.06 12.14 -35.78
C ALA B 129 17.70 12.47 -37.12
N ALA B 130 18.94 12.04 -37.30
CA ALA B 130 19.68 12.23 -38.55
C ALA B 130 19.01 11.51 -39.70
N PHE B 131 18.73 10.23 -39.50
CA PHE B 131 18.07 9.39 -40.50
C PHE B 131 16.74 10.00 -40.94
N TYR B 132 15.96 10.38 -39.94
CA TYR B 132 14.64 10.96 -40.17
C TYR B 132 14.73 12.24 -41.00
N CYS B 133 15.75 13.05 -40.74
CA CYS B 133 15.96 14.29 -41.50
C CYS B 133 16.06 13.99 -42.99
N ILE B 134 16.98 13.10 -43.32
CA ILE B 134 17.24 12.73 -44.70
C ILE B 134 15.95 12.28 -45.39
N LEU B 135 15.20 11.43 -44.70
CA LEU B 135 13.99 10.83 -45.27
C LEU B 135 12.84 11.81 -45.49
N HIS B 136 12.94 13.03 -44.98
CA HIS B 136 11.84 13.98 -45.13
C HIS B 136 12.31 15.27 -45.76
N LEU B 137 13.57 15.25 -46.18
CA LEU B 137 14.13 16.32 -46.98
C LEU B 137 13.49 16.22 -48.35
N PRO B 138 12.58 17.15 -48.66
CA PRO B 138 11.70 17.06 -49.83
C PRO B 138 12.46 16.98 -51.15
N ASN B 139 13.42 17.87 -51.35
CA ASN B 139 14.18 17.91 -52.59
C ASN B 139 15.23 16.81 -52.69
N LEU B 140 14.77 15.57 -52.52
CA LEU B 140 15.64 14.40 -52.66
C LEU B 140 14.83 13.22 -53.20
N ASN B 141 15.19 12.76 -54.40
CA ASN B 141 14.60 11.55 -54.95
C ASN B 141 15.10 10.34 -54.16
N GLU B 142 14.48 9.18 -54.39
CA GLU B 142 14.81 8.00 -53.61
C GLU B 142 16.27 7.56 -53.78
N GLU B 143 16.95 8.08 -54.79
CA GLU B 143 18.37 7.80 -54.95
C GLU B 143 19.21 8.56 -53.92
N GLN B 144 19.19 9.88 -54.03
CA GLN B 144 19.97 10.76 -53.16
C GLN B 144 19.71 10.49 -51.67
N ARG B 145 18.51 9.96 -51.37
CA ARG B 145 18.21 9.49 -50.03
C ARG B 145 19.21 8.40 -49.63
N ASN B 146 19.15 7.27 -50.33
CA ASN B 146 19.99 6.12 -50.04
C ASN B 146 21.47 6.49 -49.96
N ALA B 147 21.88 7.41 -50.83
CA ALA B 147 23.25 7.92 -50.82
C ALA B 147 23.65 8.47 -49.45
N PHE B 148 22.71 9.14 -48.79
CA PHE B 148 23.00 9.82 -47.52
C PHE B 148 22.80 8.91 -46.31
N ILE B 149 21.76 8.09 -46.38
CA ILE B 149 21.46 7.16 -45.31
C ILE B 149 22.65 6.22 -45.12
N GLN B 150 23.18 5.73 -46.25
CA GLN B 150 24.31 4.82 -46.23
C GLN B 150 25.53 5.51 -45.63
N SER B 151 25.86 6.68 -46.16
CA SER B 151 27.01 7.45 -45.68
C SER B 151 26.85 7.95 -44.23
N LEU B 152 25.68 7.73 -43.64
CA LEU B 152 25.47 8.03 -42.22
C LEU B 152 25.73 6.78 -41.37
N LYS B 153 25.54 5.60 -41.97
CA LYS B 153 25.85 4.34 -41.33
C LYS B 153 27.37 4.08 -41.34
N ASP B 154 28.04 4.61 -42.35
CA ASP B 154 29.47 4.35 -42.59
C ASP B 154 30.40 5.39 -41.93
N ASP B 155 29.82 6.34 -41.22
CA ASP B 155 30.57 7.43 -40.61
C ASP B 155 29.66 8.28 -39.71
N PRO B 156 29.14 7.68 -38.62
CA PRO B 156 28.21 8.41 -37.75
C PRO B 156 28.89 9.53 -36.97
N SER B 157 30.20 9.69 -37.17
CA SER B 157 30.96 10.76 -36.56
C SER B 157 30.86 12.05 -37.38
N GLN B 158 30.85 11.90 -38.70
CA GLN B 158 30.72 13.03 -39.63
C GLN B 158 29.25 13.29 -39.95
N SER B 159 28.36 12.86 -39.06
CA SER B 159 26.94 12.93 -39.29
C SER B 159 26.42 14.36 -39.38
N ALA B 160 26.69 15.14 -38.35
CA ALA B 160 26.24 16.53 -38.31
C ALA B 160 26.79 17.28 -39.50
N ASN B 161 28.01 16.92 -39.89
CA ASN B 161 28.60 17.43 -41.12
C ASN B 161 27.70 17.06 -42.29
N LEU B 162 27.31 15.78 -42.35
CA LEU B 162 26.58 15.24 -43.50
C LEU B 162 25.17 15.82 -43.63
N LEU B 163 24.51 16.04 -42.50
CA LEU B 163 23.18 16.65 -42.49
C LEU B 163 23.25 18.05 -43.09
N ALA B 164 24.31 18.77 -42.74
CA ALA B 164 24.53 20.12 -43.23
C ALA B 164 24.63 20.14 -44.76
N GLU B 165 25.21 19.09 -45.34
CA GLU B 165 25.30 18.97 -46.79
C GLU B 165 23.94 18.67 -47.40
N ALA B 166 23.27 17.66 -46.85
CA ALA B 166 21.94 17.25 -47.27
C ALA B 166 20.96 18.42 -47.28
N LYS B 167 21.19 19.38 -46.40
CA LYS B 167 20.33 20.57 -46.34
C LYS B 167 20.72 21.60 -47.38
N LYS B 168 22.01 21.87 -47.52
CA LYS B 168 22.44 22.82 -48.54
C LYS B 168 22.16 22.26 -49.93
N LEU B 169 22.18 20.92 -50.04
CA LEU B 169 21.75 20.26 -51.26
C LEU B 169 20.28 20.54 -51.47
N ASN B 170 19.49 20.27 -50.42
CA ASN B 170 18.05 20.52 -50.41
C ASN B 170 17.72 21.98 -50.73
N ASP B 171 18.59 22.90 -50.33
CA ASP B 171 18.40 24.33 -50.59
C ASP B 171 18.87 24.76 -51.97
N ALA B 172 19.79 23.99 -52.56
CA ALA B 172 20.22 24.22 -53.93
C ALA B 172 19.28 23.50 -54.91
N GLN B 173 18.64 22.43 -54.44
CA GLN B 173 17.66 21.68 -55.24
C GLN B 173 16.26 22.27 -55.11
N ALA B 174 16.18 23.46 -54.53
CA ALA B 174 14.91 24.16 -54.32
C ALA B 174 14.70 25.26 -55.36
N PRO B 175 13.44 25.71 -55.53
CA PRO B 175 13.13 26.88 -56.37
C PRO B 175 13.64 28.22 -55.79
N LYS B 176 14.93 28.30 -55.47
CA LYS B 176 15.52 29.53 -54.92
C LYS B 176 16.01 30.45 -56.03
O01 EYC C . 19.80 12.17 -26.76
C02 EYC C . 20.83 12.71 -26.51
C03 EYC C . 21.68 12.24 -25.32
N05 EYC C . 21.57 13.44 -27.51
C06 EYC C . 21.05 13.99 -28.74
C07 EYC C . 19.71 13.86 -29.13
C08 EYC C . 19.31 14.43 -30.34
C09 EYC C . 20.23 15.12 -31.13
C10 EYC C . 19.76 15.74 -32.45
C27 EYC C . 21.56 15.24 -30.71
S28 EYC C . 22.76 16.22 -31.64
O29 EYC C . 22.15 17.55 -31.81
O30 EYC C . 23.00 15.56 -32.92
O31 EYC C . 24.14 16.36 -30.75
C32 EYC C . 21.97 14.68 -29.52
C11 EYC C . 19.30 16.12 -33.46
C12 EYC C . 18.61 16.47 -34.77
C13 EYC C . 19.30 16.17 -35.95
C14 EYC C . 18.69 16.42 -37.17
C15 EYC C . 17.41 16.98 -37.22
N16 EYC C . 16.77 17.19 -38.50
C17 EYC C . 17.50 17.78 -39.59
O18 EYC C . 18.57 18.27 -39.43
C19 EYC C . 16.83 17.78 -40.96
C21 EYC C . 16.71 17.26 -36.05
C22 EYC C . 17.32 17.01 -34.83
S23 EYC C . 16.37 17.39 -33.34
O24 EYC C . 17.22 18.17 -32.43
O25 EYC C . 16.02 16.12 -32.69
O26 EYC C . 15.01 18.19 -33.80
#